data_9GGW
#
_entry.id   9GGW
#
_cell.length_a   37.065
_cell.length_b   41.054
_cell.length_c   209.005
_cell.angle_alpha   90.000
_cell.angle_beta   90.000
_cell.angle_gamma   90.000
#
_symmetry.space_group_name_H-M   'P 21 21 21'
#
loop_
_entity.id
_entity.type
_entity.pdbx_description
1 polymer 'GTPase KRas'
2 non-polymer "GUANOSINE-5'-DIPHOSPHATE"
3 non-polymer 'MAGNESIUM ION'
4 non-polymer 11-(4-aminocyclohexyl)-16-chloro-1,15-dihydroxy-10,10-dioxo-10lambda6-thia-2,11lambda6-diaza-1lambda6,15lambda6-diphospha-3-phosphoniapentacyclo[7.5.1.01,15.03,15.013,15]hexadecan-12-one
5 non-polymer 1,2-ETHANEDIOL
6 water water
#
_entity_poly.entity_id   1
_entity_poly.type   'polypeptide(L)'
_entity_poly.pdbx_seq_one_letter_code
;GGSMTEYKLVVVGAGGVGKSALTIQLIQNHFVDEYDPTIEDSYRKQVVIDGETCLLDILDTAGQEEYSAMRDQYMRTGEG
FLCVFAINNTKSFEDIHHYREQIKRVKDSEDVPMVLVGNKSDLPSRTVDTKQAQDLARSYGIPFIETSAKTRQRVEDAFY
TLVREIRQYRLK
;
_entity_poly.pdbx_strand_id   A,B
#
loop_
_chem_comp.id
_chem_comp.type
_chem_comp.name
_chem_comp.formula
A1ILA non-polymer 11-(4-aminocyclohexyl)-16-chloro-1,15-dihydroxy-10,10-dioxo-10lambda6-thia-2,11lambda6-diaza-1lambda6,15lambda6-diphospha-3-phosphoniapentacyclo[7.5.1.01,15.03,15.013,15]hexadecan-12-one 'C25 H30 Cl N4 O5 S2 1'
EDO non-polymer 1,2-ETHANEDIOL 'C2 H6 O2'
GDP RNA linking GUANOSINE-5'-DIPHOSPHATE 'C10 H15 N5 O11 P2'
MG non-polymer 'MAGNESIUM ION' 'Mg 2'
#
# COMPACT_ATOMS: atom_id res chain seq x y z
N SER A 3 17.01 4.87 -45.87
CA SER A 3 16.94 3.54 -45.23
C SER A 3 16.32 3.71 -43.82
N MET A 4 15.46 2.76 -43.49
CA MET A 4 14.63 2.80 -42.25
C MET A 4 15.28 2.06 -41.10
N THR A 5 15.22 2.67 -39.94
CA THR A 5 15.75 2.11 -38.70
C THR A 5 14.76 0.97 -38.36
N GLU A 6 15.28 -0.17 -37.99
CA GLU A 6 14.40 -1.30 -37.55
C GLU A 6 14.51 -1.38 -36.04
N TYR A 7 13.38 -1.44 -35.37
CA TYR A 7 13.44 -1.55 -33.90
C TYR A 7 13.09 -3.00 -33.54
N LYS A 8 14.00 -3.67 -32.85
CA LYS A 8 13.76 -5.04 -32.39
C LYS A 8 13.12 -5.00 -31.00
N LEU A 9 11.83 -5.33 -30.92
CA LEU A 9 11.07 -5.29 -29.69
C LEU A 9 10.72 -6.72 -29.28
N VAL A 10 10.68 -6.94 -27.98
CA VAL A 10 10.35 -8.27 -27.49
C VAL A 10 9.22 -8.14 -26.48
N VAL A 11 8.18 -8.98 -26.61
CA VAL A 11 7.04 -8.94 -25.70
C VAL A 11 7.17 -10.13 -24.76
N VAL A 12 7.34 -9.86 -23.47
CA VAL A 12 7.58 -10.85 -22.42
C VAL A 12 6.47 -10.77 -21.36
N GLY A 13 6.33 -11.86 -20.61
CA GLY A 13 5.34 -11.96 -19.53
C GLY A 13 4.75 -13.36 -19.49
N ALA A 14 4.05 -13.67 -18.40
CA ALA A 14 3.50 -15.02 -18.13
C ALA A 14 2.53 -15.42 -19.23
N GLY A 15 2.40 -16.71 -19.52
CA GLY A 15 1.42 -17.16 -20.52
C GLY A 15 0.04 -16.65 -20.13
N GLY A 16 -0.73 -16.22 -21.13
CA GLY A 16 -2.15 -15.86 -20.98
C GLY A 16 -2.41 -14.42 -20.56
N VAL A 17 -1.41 -13.51 -20.63
CA VAL A 17 -1.63 -12.10 -20.24
C VAL A 17 -2.08 -11.27 -21.46
N GLY A 18 -1.81 -11.79 -22.66
CA GLY A 18 -2.26 -11.24 -23.91
C GLY A 18 -1.12 -10.69 -24.77
N LYS A 19 0.05 -11.34 -24.71
CA LYS A 19 1.20 -10.96 -25.52
C LYS A 19 0.86 -11.10 -27.02
N SER A 20 0.26 -12.23 -27.39
CA SER A 20 -0.11 -12.49 -28.78
C SER A 20 -1.24 -11.54 -29.19
N ALA A 21 -2.27 -11.38 -28.34
CA ALA A 21 -3.38 -10.50 -28.70
C ALA A 21 -2.89 -9.07 -28.95
N LEU A 22 -2.02 -8.56 -28.07
CA LEU A 22 -1.46 -7.20 -28.20
C LEU A 22 -0.73 -7.02 -29.54
N THR A 23 0.08 -8.01 -29.89
CA THR A 23 0.95 -7.97 -31.06
C THR A 23 0.08 -8.03 -32.30
N ILE A 24 -0.86 -8.99 -32.32
CA ILE A 24 -1.78 -9.14 -33.43
C ILE A 24 -2.67 -7.89 -33.56
N GLN A 25 -3.05 -7.28 -32.44
CA GLN A 25 -3.87 -6.05 -32.50
C GLN A 25 -3.09 -4.97 -33.24
N LEU A 26 -1.82 -4.88 -32.91
CA LEU A 26 -0.96 -3.85 -33.59
C LEU A 26 -0.80 -4.18 -35.07
N ILE A 27 -0.48 -5.42 -35.42
CA ILE A 27 -0.29 -5.81 -36.84
C ILE A 27 -1.56 -5.82 -37.68
N GLN A 28 -2.63 -6.40 -37.15
CA GLN A 28 -3.81 -6.68 -37.99
C GLN A 28 -5.01 -5.80 -37.65
N ASN A 29 -4.93 -5.00 -36.58
CA ASN A 29 -6.11 -4.21 -36.12
C ASN A 29 -7.28 -5.15 -35.82
N HIS A 30 -6.98 -6.30 -35.22
CA HIS A 30 -7.96 -7.34 -34.96
C HIS A 30 -7.62 -8.01 -33.63
N PHE A 31 -8.66 -8.27 -32.84
CA PHE A 31 -8.56 -9.04 -31.61
C PHE A 31 -8.75 -10.52 -31.92
N VAL A 32 -7.75 -11.34 -31.59
CA VAL A 32 -7.88 -12.82 -31.62
C VAL A 32 -8.34 -13.32 -30.24
N ASP A 33 -9.44 -14.07 -30.23
CA ASP A 33 -10.00 -14.72 -28.99
C ASP A 33 -9.03 -15.82 -28.55
N GLU A 34 -8.44 -16.50 -29.52
CA GLU A 34 -7.42 -17.49 -29.20
C GLU A 34 -6.30 -17.41 -30.24
N TYR A 35 -5.11 -17.64 -29.79
CA TYR A 35 -3.93 -17.82 -30.66
C TYR A 35 -3.09 -18.84 -29.90
N ASP A 36 -2.72 -19.89 -30.59
CA ASP A 36 -1.95 -21.01 -30.04
C ASP A 36 -0.91 -20.51 -29.02
N PRO A 37 -1.01 -20.92 -27.73
CA PRO A 37 -0.13 -20.33 -26.72
C PRO A 37 1.35 -20.73 -26.81
N THR A 38 1.69 -21.70 -27.63
CA THR A 38 3.07 -22.19 -27.76
C THR A 38 3.86 -21.48 -28.89
N ILE A 39 3.20 -20.60 -29.62
CA ILE A 39 3.85 -19.96 -30.78
C ILE A 39 4.65 -18.74 -30.36
N GLU A 40 5.95 -18.81 -30.63
CA GLU A 40 6.95 -17.73 -30.44
C GLU A 40 7.37 -17.34 -31.88
N ASP A 41 7.14 -16.10 -32.25
CA ASP A 41 7.43 -15.72 -33.64
C ASP A 41 7.62 -14.20 -33.75
N SER A 42 8.10 -13.80 -34.93
CA SER A 42 8.36 -12.41 -35.25
C SER A 42 7.21 -11.86 -36.07
N TYR A 43 6.85 -10.59 -35.82
CA TYR A 43 5.77 -9.87 -36.48
C TYR A 43 6.28 -8.48 -36.86
N ARG A 44 6.25 -8.16 -38.17
CA ARG A 44 6.83 -6.88 -38.68
C ARG A 44 5.76 -5.87 -39.09
N LYS A 45 6.03 -4.59 -38.78
CA LYS A 45 5.17 -3.56 -39.25
C LYS A 45 5.97 -2.29 -39.52
N GLN A 46 5.69 -1.69 -40.69
CA GLN A 46 6.19 -0.37 -41.07
C GLN A 46 5.25 0.71 -40.53
N VAL A 47 5.81 1.65 -39.76
CA VAL A 47 5.05 2.64 -39.02
C VAL A 47 5.77 3.99 -39.15
N VAL A 48 5.07 5.04 -38.74
CA VAL A 48 5.64 6.41 -38.58
C VAL A 48 5.39 6.81 -37.13
N ILE A 49 6.47 7.00 -36.37
CA ILE A 49 6.37 7.39 -34.98
C ILE A 49 7.01 8.78 -34.85
N ASP A 50 6.20 9.76 -34.50
CA ASP A 50 6.67 11.14 -34.33
C ASP A 50 7.38 11.63 -35.61
N GLY A 51 6.92 11.14 -36.75
CA GLY A 51 7.44 11.49 -38.05
C GLY A 51 8.62 10.63 -38.49
N GLU A 52 9.06 9.70 -37.64
CA GLU A 52 10.13 8.77 -38.03
C GLU A 52 9.50 7.59 -38.79
N THR A 53 9.86 7.40 -40.07
CA THR A 53 9.45 6.17 -40.74
C THR A 53 10.40 5.05 -40.35
N CYS A 54 9.83 4.01 -39.73
CA CYS A 54 10.68 2.89 -39.27
C CYS A 54 9.89 1.55 -39.35
N LEU A 55 10.62 0.50 -39.04
CA LEU A 55 10.10 -0.89 -39.09
C LEU A 55 10.19 -1.45 -37.66
N LEU A 56 9.09 -2.05 -37.17
CA LEU A 56 9.06 -2.72 -35.85
C LEU A 56 9.15 -4.25 -36.13
N ASP A 57 10.14 -4.87 -35.54
CA ASP A 57 10.42 -6.31 -35.67
C ASP A 57 10.13 -6.79 -34.26
N ILE A 58 8.92 -7.34 -34.08
CA ILE A 58 8.39 -7.66 -32.73
C ILE A 58 8.45 -9.20 -32.51
N LEU A 59 9.15 -9.60 -31.47
CA LEU A 59 9.16 -11.05 -31.09
C LEU A 59 8.12 -11.24 -29.97
N ASP A 60 7.10 -12.04 -30.26
CA ASP A 60 6.05 -12.41 -29.29
C ASP A 60 6.48 -13.81 -28.79
N THR A 61 6.64 -13.89 -27.49
CA THR A 61 7.32 -15.05 -26.85
C THR A 61 6.39 -16.09 -26.21
N ALA A 62 6.94 -17.29 -25.99
CA ALA A 62 6.19 -18.42 -25.40
C ALA A 62 6.75 -18.81 -24.02
N GLY A 63 5.99 -19.56 -23.23
CA GLY A 63 6.56 -19.98 -21.95
C GLY A 63 7.79 -20.86 -22.15
N GLN A 64 8.84 -20.66 -21.40
CA GLN A 64 9.91 -21.68 -21.48
C GLN A 64 10.28 -22.04 -20.02
N GLU A 65 9.84 -23.17 -19.46
CA GLU A 65 10.04 -23.38 -17.97
C GLU A 65 11.50 -23.45 -17.54
N GLU A 66 12.34 -24.11 -18.29
CA GLU A 66 13.75 -24.31 -17.86
C GLU A 66 14.66 -23.28 -18.53
N TYR A 67 15.98 -23.44 -18.37
CA TYR A 67 16.97 -22.67 -19.08
C TYR A 67 16.73 -22.81 -20.59
N SER A 68 16.83 -21.68 -21.30
CA SER A 68 16.62 -21.64 -22.73
C SER A 68 17.71 -20.76 -23.35
N ALA A 69 18.63 -21.38 -24.09
CA ALA A 69 19.66 -20.68 -24.87
C ALA A 69 19.00 -19.67 -25.81
N MET A 70 17.88 -20.06 -26.43
CA MET A 70 17.23 -19.18 -27.43
C MET A 70 16.56 -17.96 -26.76
N ARG A 71 16.10 -18.11 -25.52
CA ARG A 71 15.51 -16.97 -24.78
C ARG A 71 16.65 -15.99 -24.47
N ASP A 72 17.78 -16.51 -23.98
CA ASP A 72 18.96 -15.70 -23.69
C ASP A 72 19.32 -14.89 -24.94
N GLN A 73 19.28 -15.53 -26.12
CA GLN A 73 19.70 -14.89 -27.35
C GLN A 73 18.73 -13.78 -27.76
N TYR A 74 17.43 -13.99 -27.54
CA TYR A 74 16.47 -12.91 -27.85
C TYR A 74 16.65 -11.75 -26.88
N MET A 75 17.02 -12.07 -25.65
CA MET A 75 17.24 -11.00 -24.66
C MET A 75 18.51 -10.22 -25.04
N ARG A 76 19.53 -10.91 -25.49
CA ARG A 76 20.75 -10.23 -26.01
C ARG A 76 20.39 -9.39 -27.24
N THR A 77 19.52 -9.88 -28.09
CA THR A 77 19.27 -9.25 -29.37
C THR A 77 18.29 -8.08 -29.23
N GLY A 78 17.26 -8.22 -28.39
CA GLY A 78 16.18 -7.26 -28.31
C GLY A 78 16.64 -5.90 -27.82
N GLU A 79 16.12 -4.82 -28.44
CA GLU A 79 16.54 -3.46 -28.11
C GLU A 79 15.62 -2.85 -27.05
N GLY A 80 14.35 -3.29 -27.06
CA GLY A 80 13.34 -2.86 -26.10
C GLY A 80 12.38 -3.99 -25.69
N PHE A 81 11.88 -3.93 -24.46
CA PHE A 81 11.00 -5.01 -23.96
C PHE A 81 9.68 -4.49 -23.38
N LEU A 82 8.54 -5.01 -23.85
CA LEU A 82 7.23 -4.75 -23.21
C LEU A 82 7.09 -5.86 -22.16
N CYS A 83 7.07 -5.53 -20.88
CA CYS A 83 6.87 -6.48 -19.76
C CYS A 83 5.38 -6.43 -19.42
N VAL A 84 4.66 -7.47 -19.83
CA VAL A 84 3.19 -7.47 -19.78
C VAL A 84 2.65 -8.36 -18.64
N PHE A 85 1.72 -7.81 -17.90
CA PHE A 85 0.90 -8.59 -16.94
C PHE A 85 -0.57 -8.31 -17.26
N ALA A 86 -1.47 -9.08 -16.67
CA ALA A 86 -2.89 -8.89 -16.83
C ALA A 86 -3.43 -8.30 -15.52
N ILE A 87 -4.28 -7.26 -15.61
CA ILE A 87 -4.75 -6.51 -14.44
C ILE A 87 -5.69 -7.36 -13.55
N ASN A 88 -6.13 -8.51 -14.07
CA ASN A 88 -6.97 -9.43 -13.29
C ASN A 88 -6.20 -10.68 -12.84
N ASN A 89 -4.87 -10.66 -12.90
CA ASN A 89 -4.07 -11.82 -12.55
C ASN A 89 -2.83 -11.41 -11.76
N THR A 90 -2.95 -11.47 -10.42
CA THR A 90 -1.91 -11.10 -9.47
C THR A 90 -0.59 -11.83 -9.74
N LYS A 91 -0.65 -13.13 -10.04
CA LYS A 91 0.57 -13.94 -10.24
C LYS A 91 1.41 -13.38 -11.41
N SER A 92 0.73 -12.96 -12.50
CA SER A 92 1.39 -12.39 -13.67
C SER A 92 2.08 -11.06 -13.31
N PHE A 93 1.46 -10.29 -12.40
CA PHE A 93 2.10 -9.07 -11.88
C PHE A 93 3.33 -9.45 -11.05
N GLU A 94 3.22 -10.47 -10.19
CA GLU A 94 4.32 -10.85 -9.32
C GLU A 94 5.50 -11.40 -10.13
N ASP A 95 5.22 -11.99 -11.29
CA ASP A 95 6.24 -12.55 -12.17
C ASP A 95 7.06 -11.45 -12.84
N ILE A 96 6.51 -10.24 -12.95
CA ILE A 96 7.15 -9.14 -13.71
C ILE A 96 8.59 -8.94 -13.26
N HIS A 97 8.82 -8.87 -11.95
CA HIS A 97 10.16 -8.65 -11.42
C HIS A 97 11.15 -9.70 -11.95
N HIS A 98 10.70 -10.95 -12.14
CA HIS A 98 11.56 -12.02 -12.60
C HIS A 98 11.97 -11.81 -14.07
N TYR A 99 11.07 -11.34 -14.93
CA TYR A 99 11.39 -11.06 -16.34
C TYR A 99 12.39 -9.89 -16.41
N ARG A 100 12.13 -8.84 -15.64
CA ARG A 100 13.02 -7.69 -15.63
C ARG A 100 14.42 -8.08 -15.16
N GLU A 101 14.50 -8.95 -14.14
CA GLU A 101 15.83 -9.33 -13.62
C GLU A 101 16.59 -10.14 -14.65
N GLN A 102 15.89 -11.05 -15.30
CA GLN A 102 16.50 -11.90 -16.32
C GLN A 102 17.03 -11.05 -17.48
N ILE A 103 16.24 -10.11 -17.94
CA ILE A 103 16.72 -9.25 -19.05
C ILE A 103 18.01 -8.56 -18.61
N LYS A 104 17.97 -7.98 -17.44
CA LYS A 104 19.14 -7.23 -16.95
C LYS A 104 20.38 -8.12 -16.83
N ARG A 105 20.19 -9.35 -16.33
CA ARG A 105 21.31 -10.31 -16.12
C ARG A 105 21.91 -10.70 -17.48
N VAL A 106 21.06 -10.87 -18.49
CA VAL A 106 21.51 -11.29 -19.84
C VAL A 106 22.29 -10.17 -20.53
N LYS A 107 21.74 -8.98 -20.45
CA LYS A 107 22.36 -7.76 -21.00
C LYS A 107 23.55 -7.33 -20.14
N ASP A 108 23.61 -7.76 -18.87
CA ASP A 108 24.61 -7.24 -17.92
C ASP A 108 24.47 -5.71 -17.90
N SER A 109 23.28 -5.22 -17.57
CA SER A 109 22.98 -3.79 -17.61
C SER A 109 21.77 -3.48 -16.74
N GLU A 110 21.87 -2.41 -15.94
CA GLU A 110 20.74 -2.06 -15.06
C GLU A 110 19.80 -1.12 -15.80
N ASP A 111 20.27 -0.53 -16.90
CA ASP A 111 19.39 0.34 -17.73
C ASP A 111 19.19 -0.32 -19.10
N VAL A 112 18.01 -0.82 -19.32
CA VAL A 112 17.66 -1.46 -20.60
C VAL A 112 16.32 -0.86 -20.92
N PRO A 113 15.89 -0.32 -22.23
CA PRO A 113 14.59 0.19 -22.63
C PRO A 113 13.48 -0.83 -22.33
N MET A 114 12.48 -0.40 -21.56
CA MET A 114 11.39 -1.27 -21.11
C MET A 114 10.15 -0.41 -20.83
N VAL A 115 8.97 -0.98 -21.09
CA VAL A 115 7.69 -0.43 -20.68
C VAL A 115 6.94 -1.54 -19.93
N LEU A 116 6.35 -1.18 -18.78
CA LEU A 116 5.45 -2.06 -18.04
C LEU A 116 4.04 -1.95 -18.64
N VAL A 117 3.42 -3.10 -18.95
CA VAL A 117 2.11 -3.05 -19.56
C VAL A 117 1.13 -3.85 -18.71
N GLY A 118 0.07 -3.18 -18.26
CA GLY A 118 -1.07 -3.82 -17.61
C GLY A 118 -2.21 -4.00 -18.60
N ASN A 119 -2.33 -5.24 -19.09
CA ASN A 119 -3.30 -5.61 -20.14
C ASN A 119 -4.66 -6.03 -19.54
N LYS A 120 -5.69 -6.07 -20.40
CA LYS A 120 -7.11 -6.48 -20.17
C LYS A 120 -7.83 -5.38 -19.39
N SER A 121 -7.43 -4.11 -19.63
CA SER A 121 -8.05 -2.92 -18.99
C SER A 121 -9.56 -2.86 -19.25
N ASP A 122 -10.05 -3.51 -20.30
CA ASP A 122 -11.50 -3.62 -20.56
C ASP A 122 -12.24 -4.41 -19.48
N LEU A 123 -11.55 -5.24 -18.71
CA LEU A 123 -12.21 -6.19 -17.82
C LEU A 123 -12.61 -5.49 -16.53
N PRO A 124 -13.88 -5.60 -16.11
CA PRO A 124 -14.32 -4.88 -14.91
C PRO A 124 -13.72 -5.41 -13.59
N SER A 125 -13.33 -6.68 -13.52
CA SER A 125 -12.86 -7.25 -12.24
C SER A 125 -11.32 -7.21 -12.04
N ARG A 126 -10.73 -6.07 -11.71
CA ARG A 126 -9.25 -5.99 -11.55
C ARG A 126 -8.78 -6.60 -10.22
N THR A 127 -7.60 -7.19 -10.21
CA THR A 127 -6.98 -7.72 -8.98
C THR A 127 -5.68 -6.98 -8.66
N VAL A 128 -5.09 -6.32 -9.66
CA VAL A 128 -3.84 -5.53 -9.47
C VAL A 128 -4.22 -4.05 -9.52
N ASP A 129 -4.04 -3.34 -8.40
CA ASP A 129 -4.31 -1.88 -8.22
C ASP A 129 -3.39 -1.09 -9.18
N THR A 130 -3.93 -0.08 -9.88
CA THR A 130 -3.13 0.79 -10.76
C THR A 130 -1.98 1.45 -10.01
N LYS A 131 -2.25 2.00 -8.83
CA LYS A 131 -1.18 2.64 -8.06
C LYS A 131 0.00 1.71 -7.80
N GLN A 132 -0.30 0.44 -7.51
CA GLN A 132 0.72 -0.54 -7.19
C GLN A 132 1.60 -0.77 -8.43
N ALA A 133 0.96 -0.94 -9.59
CA ALA A 133 1.66 -1.08 -10.85
C ALA A 133 2.45 0.20 -11.18
N GLN A 134 1.83 1.38 -10.97
CA GLN A 134 2.50 2.65 -11.24
C GLN A 134 3.75 2.80 -10.35
N ASP A 135 3.60 2.45 -9.07
CA ASP A 135 4.70 2.51 -8.10
C ASP A 135 5.87 1.63 -8.56
N LEU A 136 5.58 0.41 -9.02
CA LEU A 136 6.63 -0.49 -9.49
C LEU A 136 7.39 0.16 -10.65
N ALA A 137 6.64 0.62 -11.65
CA ALA A 137 7.23 1.30 -12.82
C ALA A 137 8.15 2.45 -12.38
N ARG A 138 7.71 3.23 -11.38
CA ARG A 138 8.50 4.31 -10.85
C ARG A 138 9.83 3.78 -10.32
N SER A 139 9.77 2.70 -9.53
CA SER A 139 10.97 2.07 -8.92
C SER A 139 11.95 1.59 -9.98
N TYR A 140 11.42 1.09 -11.09
CA TYR A 140 12.24 0.65 -12.23
C TYR A 140 12.69 1.83 -13.12
N GLY A 141 12.04 2.98 -13.01
CA GLY A 141 12.37 4.15 -13.83
C GLY A 141 11.84 4.02 -15.26
N ILE A 142 10.72 3.32 -15.40
CA ILE A 142 10.14 3.09 -16.75
C ILE A 142 8.67 3.50 -16.83
N PRO A 143 8.12 3.70 -18.05
CA PRO A 143 6.74 4.02 -18.22
C PRO A 143 5.86 2.79 -17.91
N PHE A 144 4.64 3.09 -17.53
CA PHE A 144 3.54 2.14 -17.21
C PHE A 144 2.34 2.52 -18.08
N ILE A 145 1.83 1.57 -18.83
CA ILE A 145 0.65 1.80 -19.68
C ILE A 145 -0.36 0.69 -19.38
N GLU A 146 -1.62 1.06 -19.25
CA GLU A 146 -2.71 0.08 -19.11
C GLU A 146 -3.31 -0.08 -20.52
N THR A 147 -3.44 -1.31 -21.01
CA THR A 147 -3.93 -1.56 -22.39
C THR A 147 -5.04 -2.62 -22.44
N SER A 148 -5.74 -2.63 -23.58
CA SER A 148 -6.75 -3.67 -23.89
C SER A 148 -6.56 -4.12 -25.32
N ALA A 149 -5.97 -5.28 -25.51
CA ALA A 149 -5.88 -5.88 -26.83
C ALA A 149 -7.28 -6.04 -27.43
N LYS A 150 -8.29 -6.24 -26.58
CA LYS A 150 -9.66 -6.45 -27.04
C LYS A 150 -10.27 -5.19 -27.66
N THR A 151 -10.14 -4.06 -26.99
CA THR A 151 -10.80 -2.85 -27.50
C THR A 151 -9.79 -1.91 -28.19
N ARG A 152 -8.51 -2.27 -28.22
CA ARG A 152 -7.38 -1.53 -28.85
C ARG A 152 -6.91 -0.35 -27.97
N GLN A 153 -7.47 -0.16 -26.78
CA GLN A 153 -7.10 0.96 -25.91
C GLN A 153 -5.60 0.93 -25.62
N ARG A 154 -4.91 1.98 -26.01
CA ARG A 154 -3.48 2.20 -25.68
C ARG A 154 -2.54 1.14 -26.29
N VAL A 155 -2.99 0.40 -27.29
CA VAL A 155 -2.10 -0.63 -27.81
C VAL A 155 -0.93 0.00 -28.59
N GLU A 156 -1.24 0.84 -29.57
CA GLU A 156 -0.21 1.63 -30.28
C GLU A 156 0.67 2.40 -29.28
N ASP A 157 0.01 3.08 -28.33
CA ASP A 157 0.70 3.87 -27.31
C ASP A 157 1.79 3.02 -26.65
N ALA A 158 1.46 1.76 -26.26
CA ALA A 158 2.43 0.92 -25.57
C ALA A 158 3.66 0.63 -26.45
N PHE A 159 3.43 0.24 -27.69
CA PHE A 159 4.57 -0.04 -28.57
C PHE A 159 5.35 1.23 -28.89
N TYR A 160 4.63 2.32 -29.14
CA TYR A 160 5.26 3.56 -29.60
C TYR A 160 6.08 4.17 -28.47
N THR A 161 5.57 4.07 -27.23
CA THR A 161 6.29 4.47 -26.02
C THR A 161 7.62 3.71 -25.94
N LEU A 162 7.60 2.41 -26.20
CA LEU A 162 8.80 1.59 -26.09
C LEU A 162 9.81 2.07 -27.12
N VAL A 163 9.31 2.32 -28.32
CA VAL A 163 10.23 2.85 -29.37
C VAL A 163 10.83 4.18 -28.88
N ARG A 164 10.04 5.01 -28.23
CA ARG A 164 10.53 6.31 -27.69
C ARG A 164 11.61 6.07 -26.65
N GLU A 165 11.41 5.06 -25.80
CA GLU A 165 12.37 4.67 -24.77
C GLU A 165 13.69 4.25 -25.43
N ILE A 166 13.61 3.48 -26.50
CA ILE A 166 14.80 3.02 -27.25
C ILE A 166 15.51 4.27 -27.83
N ARG A 167 14.76 5.15 -28.46
CA ARG A 167 15.40 6.35 -29.09
C ARG A 167 16.14 7.20 -28.07
N GLN A 168 15.51 7.44 -26.93
CA GLN A 168 16.03 8.27 -25.83
C GLN A 168 17.25 7.63 -25.15
N TYR A 169 17.30 6.30 -25.10
CA TYR A 169 18.48 5.61 -24.54
C TYR A 169 19.71 6.09 -25.34
N ARG A 170 19.53 6.12 -26.64
CA ARG A 170 20.57 6.50 -27.63
C ARG A 170 20.73 8.03 -27.79
N LEU A 171 19.65 8.80 -27.79
CA LEU A 171 19.67 10.26 -27.99
C LEU A 171 19.47 11.00 -26.65
N MET B 4 -13.20 -13.65 12.79
CA MET B 4 -12.08 -12.70 12.87
C MET B 4 -11.93 -12.17 14.29
N THR B 5 -10.69 -11.97 14.72
CA THR B 5 -10.33 -11.44 16.06
C THR B 5 -10.57 -9.93 16.12
N GLU B 6 -11.37 -9.51 17.09
CA GLU B 6 -11.67 -8.07 17.31
C GLU B 6 -10.98 -7.52 18.57
N TYR B 7 -10.82 -6.21 18.61
CA TYR B 7 -10.20 -5.50 19.74
C TYR B 7 -11.08 -4.30 20.06
N LYS B 8 -11.62 -4.29 21.28
CA LYS B 8 -12.49 -3.22 21.75
C LYS B 8 -11.62 -2.20 22.49
N LEU B 9 -11.49 -1.00 21.93
CA LEU B 9 -10.58 0.01 22.46
C LEU B 9 -11.38 1.22 22.91
N VAL B 10 -10.96 1.81 24.03
CA VAL B 10 -11.62 2.98 24.59
C VAL B 10 -10.57 4.08 24.78
N VAL B 11 -10.90 5.28 24.31
CA VAL B 11 -10.07 6.45 24.45
C VAL B 11 -10.70 7.30 25.55
N VAL B 12 -9.93 7.54 26.62
CA VAL B 12 -10.39 8.33 27.76
C VAL B 12 -9.36 9.40 28.07
N GLY B 13 -9.79 10.38 28.87
CA GLY B 13 -9.01 11.52 29.15
C GLY B 13 -9.89 12.74 29.31
N ALA B 14 -9.30 13.82 29.84
CA ALA B 14 -9.97 15.05 30.12
C ALA B 14 -10.43 15.73 28.84
N GLY B 15 -11.46 16.58 28.95
CA GLY B 15 -11.94 17.33 27.82
C GLY B 15 -10.82 18.15 27.19
N GLY B 16 -10.73 18.10 25.86
CA GLY B 16 -9.84 18.95 25.11
C GLY B 16 -8.45 18.36 24.88
N VAL B 17 -8.19 17.12 25.29
CA VAL B 17 -6.84 16.56 25.19
C VAL B 17 -6.56 16.01 23.78
N GLY B 18 -7.61 15.67 23.01
CA GLY B 18 -7.47 15.22 21.62
C GLY B 18 -7.97 13.81 21.36
N LYS B 19 -8.88 13.31 22.20
CA LYS B 19 -9.38 11.95 22.03
C LYS B 19 -10.00 11.82 20.64
N SER B 20 -10.90 12.75 20.33
CA SER B 20 -11.64 12.76 19.07
C SER B 20 -10.69 12.89 17.89
N ALA B 21 -9.79 13.88 17.97
CA ALA B 21 -8.84 14.21 16.89
C ALA B 21 -7.96 13.01 16.56
N LEU B 22 -7.66 12.18 17.57
CA LEU B 22 -6.77 11.01 17.42
C LEU B 22 -7.51 9.85 16.76
N THR B 23 -8.75 9.61 17.22
CA THR B 23 -9.61 8.61 16.64
C THR B 23 -9.88 8.96 15.17
N ILE B 24 -10.19 10.24 14.92
CA ILE B 24 -10.54 10.68 13.58
C ILE B 24 -9.32 10.60 12.66
N GLN B 25 -8.12 10.94 13.16
CA GLN B 25 -6.93 10.78 12.34
C GLN B 25 -6.78 9.33 11.91
N LEU B 26 -6.84 8.43 12.89
CA LEU B 26 -6.63 7.02 12.64
C LEU B 26 -7.60 6.51 11.58
N ILE B 27 -8.88 6.91 11.70
CA ILE B 27 -9.96 6.36 10.90
C ILE B 27 -10.02 7.08 9.53
N GLN B 28 -10.12 8.41 9.56
CA GLN B 28 -10.41 9.21 8.37
C GLN B 28 -9.17 9.89 7.78
N ASN B 29 -8.03 9.76 8.46
CA ASN B 29 -6.75 10.25 7.95
C ASN B 29 -6.80 11.77 7.72
N HIS B 30 -7.39 12.53 8.65
CA HIS B 30 -7.25 14.00 8.63
C HIS B 30 -7.44 14.58 10.03
N PHE B 31 -7.07 15.85 10.19
CA PHE B 31 -7.05 16.49 11.49
C PHE B 31 -8.25 17.43 11.64
N VAL B 32 -9.00 17.30 12.73
CA VAL B 32 -10.17 18.17 13.02
C VAL B 32 -9.75 19.30 13.97
N ASP B 33 -9.77 20.52 13.44
CA ASP B 33 -9.38 21.84 14.02
C ASP B 33 -10.30 22.25 15.18
N GLU B 34 -11.48 21.69 15.21
CA GLU B 34 -12.49 21.95 16.24
C GLU B 34 -13.49 20.83 16.04
N TYR B 35 -14.01 20.27 17.10
CA TYR B 35 -14.96 19.17 17.00
C TYR B 35 -15.82 19.18 18.27
N ASP B 36 -17.12 18.84 18.16
CA ASP B 36 -18.07 18.86 19.27
C ASP B 36 -17.56 17.98 20.41
N PRO B 37 -17.27 18.56 21.60
CA PRO B 37 -16.71 17.81 22.73
C PRO B 37 -17.65 16.84 23.49
N THR B 38 -18.95 16.89 23.21
CA THR B 38 -19.91 16.03 23.93
C THR B 38 -20.30 14.79 23.12
N ILE B 39 -19.86 14.69 21.86
CA ILE B 39 -20.21 13.50 21.05
C ILE B 39 -19.33 12.32 21.45
N GLU B 40 -19.99 11.25 21.87
CA GLU B 40 -19.40 9.97 22.20
C GLU B 40 -19.87 8.98 21.14
N ASP B 41 -18.93 8.44 20.35
CA ASP B 41 -19.23 7.64 19.19
C ASP B 41 -18.10 6.62 18.96
N SER B 42 -18.44 5.54 18.24
CA SER B 42 -17.52 4.44 17.96
C SER B 42 -17.12 4.44 16.48
N TYR B 43 -15.93 3.88 16.22
CA TYR B 43 -15.33 3.71 14.88
C TYR B 43 -14.76 2.29 14.78
N ARG B 44 -14.93 1.64 13.61
CA ARG B 44 -14.46 0.23 13.40
C ARG B 44 -13.53 0.21 12.19
N LYS B 45 -12.35 -0.42 12.29
CA LYS B 45 -11.35 -0.37 11.20
C LYS B 45 -10.47 -1.61 11.21
N GLN B 46 -10.46 -2.37 10.11
CA GLN B 46 -9.67 -3.56 9.89
C GLN B 46 -8.22 -3.15 9.54
N VAL B 47 -7.25 -3.68 10.30
CA VAL B 47 -5.82 -3.39 10.14
C VAL B 47 -5.04 -4.68 10.38
N VAL B 48 -3.81 -4.72 9.89
CA VAL B 48 -2.90 -5.86 10.07
C VAL B 48 -1.81 -5.44 11.05
N ILE B 49 -1.70 -6.17 12.16
CA ILE B 49 -0.72 -5.91 13.24
C ILE B 49 -0.03 -7.23 13.57
N ASP B 50 1.28 -7.30 13.27
CA ASP B 50 2.10 -8.47 13.57
C ASP B 50 1.56 -9.71 12.84
N GLY B 51 1.14 -9.53 11.61
CA GLY B 51 0.65 -10.67 10.80
C GLY B 51 -0.82 -10.98 11.05
N GLU B 52 -1.42 -10.32 12.04
CA GLU B 52 -2.82 -10.57 12.44
C GLU B 52 -3.78 -9.57 11.81
N THR B 53 -4.78 -10.03 11.07
CA THR B 53 -5.79 -9.06 10.58
C THR B 53 -6.71 -8.85 11.79
N CYS B 54 -6.84 -7.62 12.24
CA CYS B 54 -7.57 -7.25 13.48
C CYS B 54 -8.79 -6.39 13.11
N LEU B 55 -9.87 -6.54 13.83
CA LEU B 55 -10.98 -5.61 13.62
C LEU B 55 -10.92 -4.69 14.83
N LEU B 56 -10.63 -3.42 14.65
CA LEU B 56 -10.60 -2.55 15.85
C LEU B 56 -11.99 -1.94 16.00
N ASP B 57 -12.56 -1.94 17.20
CA ASP B 57 -13.86 -1.32 17.55
C ASP B 57 -13.55 -0.25 18.61
N ILE B 58 -13.37 1.00 18.19
CA ILE B 58 -12.87 2.09 19.07
C ILE B 58 -13.99 3.00 19.55
N LEU B 59 -14.14 3.12 20.87
CA LEU B 59 -15.09 4.05 21.45
C LEU B 59 -14.37 5.33 21.92
N ASP B 60 -14.74 6.45 21.29
CA ASP B 60 -14.27 7.79 21.59
C ASP B 60 -15.21 8.42 22.63
N THR B 61 -14.68 8.63 23.84
CA THR B 61 -15.53 9.03 24.98
C THR B 61 -15.59 10.55 25.11
N ALA B 62 -16.73 11.03 25.62
CA ALA B 62 -17.02 12.45 25.80
C ALA B 62 -17.87 12.68 27.06
N TYR B 67 -21.39 12.17 36.10
CA TYR B 67 -21.74 10.74 36.28
C TYR B 67 -22.61 10.21 35.14
N SER B 68 -22.22 9.05 34.58
CA SER B 68 -23.09 8.31 33.65
C SER B 68 -22.98 6.83 34.00
N ALA B 69 -24.09 6.09 34.04
CA ALA B 69 -24.02 4.62 34.19
C ALA B 69 -23.38 4.00 32.93
N MET B 70 -23.38 4.72 31.83
CA MET B 70 -22.79 4.20 30.59
C MET B 70 -21.27 4.14 30.68
N ARG B 71 -20.68 4.84 31.66
CA ARG B 71 -19.23 4.84 31.82
C ARG B 71 -18.77 3.49 32.36
N ASP B 72 -19.38 3.06 33.46
CA ASP B 72 -19.09 1.73 33.99
C ASP B 72 -19.33 0.66 32.92
N GLN B 73 -20.32 0.88 32.04
CA GLN B 73 -20.65 -0.07 31.01
C GLN B 73 -19.48 -0.21 30.01
N TYR B 74 -18.94 0.91 29.54
CA TYR B 74 -17.86 0.81 28.53
C TYR B 74 -16.56 0.35 29.18
N MET B 75 -16.48 0.50 30.51
CA MET B 75 -15.32 0.01 31.27
C MET B 75 -15.45 -1.51 31.43
N ARG B 76 -16.68 -2.00 31.56
CA ARG B 76 -16.89 -3.46 31.62
C ARG B 76 -16.54 -3.97 30.22
N THR B 77 -17.04 -3.27 29.21
CA THR B 77 -16.95 -3.64 27.78
C THR B 77 -15.53 -3.48 27.20
N GLY B 78 -14.84 -2.41 27.51
CA GLY B 78 -13.51 -2.12 26.95
C GLY B 78 -12.48 -3.20 27.25
N GLU B 79 -11.74 -3.63 26.22
CA GLU B 79 -10.65 -4.60 26.45
C GLU B 79 -9.32 -3.91 26.73
N GLY B 80 -9.10 -2.76 26.11
CA GLY B 80 -7.89 -1.96 26.23
C GLY B 80 -8.22 -0.49 26.29
N PHE B 81 -7.45 0.26 27.04
CA PHE B 81 -7.76 1.69 27.28
C PHE B 81 -6.59 2.63 26.92
N LEU B 82 -6.88 3.64 26.09
CA LEU B 82 -5.92 4.72 25.76
C LEU B 82 -6.17 5.85 26.76
N CYS B 83 -5.28 6.05 27.72
CA CYS B 83 -5.37 7.17 28.68
C CYS B 83 -4.59 8.36 28.16
N VAL B 84 -5.32 9.36 27.63
CA VAL B 84 -4.76 10.53 26.92
C VAL B 84 -4.72 11.77 27.79
N PHE B 85 -3.58 12.43 27.78
CA PHE B 85 -3.43 13.76 28.39
C PHE B 85 -2.79 14.67 27.32
N ALA B 86 -2.86 15.97 27.47
CA ALA B 86 -2.19 16.90 26.55
C ALA B 86 -0.91 17.39 27.21
N ILE B 87 0.20 17.45 26.45
CA ILE B 87 1.52 17.82 27.01
C ILE B 87 1.58 19.30 27.41
N ASN B 88 0.66 20.13 26.92
CA ASN B 88 0.59 21.54 27.29
C ASN B 88 -0.49 21.80 28.35
N ASN B 89 -0.95 20.72 28.99
CA ASN B 89 -1.95 20.83 30.07
C ASN B 89 -1.64 19.91 31.26
N THR B 90 -1.15 20.50 32.33
CA THR B 90 -0.76 19.77 33.55
C THR B 90 -1.97 19.10 34.21
N LYS B 91 -3.11 19.73 34.24
CA LYS B 91 -4.28 19.13 34.92
C LYS B 91 -4.71 17.84 34.22
N SER B 92 -4.61 17.81 32.90
CA SER B 92 -5.00 16.63 32.19
C SER B 92 -4.09 15.47 32.59
N PHE B 93 -2.81 15.76 32.86
CA PHE B 93 -1.84 14.75 33.25
C PHE B 93 -2.15 14.29 34.69
N GLU B 94 -2.41 15.26 35.55
CA GLU B 94 -2.66 15.00 36.94
C GLU B 94 -3.94 14.18 37.11
N ASP B 95 -4.80 14.20 36.11
CA ASP B 95 -6.12 13.51 36.11
C ASP B 95 -6.02 12.02 35.76
N ILE B 96 -4.94 11.60 35.14
CA ILE B 96 -4.77 10.25 34.57
C ILE B 96 -5.04 9.19 35.65
N HIS B 97 -4.43 9.33 36.82
CA HIS B 97 -4.56 8.30 37.87
C HIS B 97 -6.04 8.02 38.22
N HIS B 98 -6.90 9.05 38.16
CA HIS B 98 -8.35 8.87 38.41
C HIS B 98 -8.96 7.89 37.39
N TYR B 99 -8.64 8.06 36.11
CA TYR B 99 -9.06 7.13 35.04
C TYR B 99 -8.56 5.72 35.31
N ARG B 100 -7.28 5.56 35.65
CA ARG B 100 -6.74 4.22 35.92
C ARG B 100 -7.42 3.61 37.15
N GLU B 101 -7.70 4.43 38.18
CA GLU B 101 -8.39 3.93 39.37
C GLU B 101 -9.82 3.45 39.05
N GLN B 102 -10.56 4.24 38.27
CA GLN B 102 -11.93 3.88 37.87
C GLN B 102 -11.94 2.56 37.11
N ILE B 103 -11.02 2.38 36.16
CA ILE B 103 -11.00 1.18 35.31
C ILE B 103 -10.61 -0.04 36.15
N LYS B 104 -9.54 0.09 36.94
CA LYS B 104 -9.14 -0.94 37.88
C LYS B 104 -10.34 -1.35 38.74
N ARG B 105 -11.13 -0.38 39.21
CA ARG B 105 -12.30 -0.68 40.07
C ARG B 105 -13.31 -1.54 39.29
N VAL B 106 -13.73 -1.06 38.12
CA VAL B 106 -14.72 -1.75 37.27
C VAL B 106 -14.21 -3.16 36.92
N LYS B 107 -12.93 -3.26 36.52
CA LYS B 107 -12.32 -4.52 36.14
C LYS B 107 -12.07 -5.41 37.35
N ASP B 108 -11.87 -4.79 38.53
CA ASP B 108 -11.51 -5.50 39.75
C ASP B 108 -10.23 -6.30 39.50
N SER B 109 -9.28 -5.70 38.76
CA SER B 109 -8.05 -6.37 38.34
C SER B 109 -6.93 -5.34 38.14
N GLU B 110 -5.68 -5.77 38.36
CA GLU B 110 -4.51 -4.97 37.98
C GLU B 110 -4.11 -5.24 36.53
N ASP B 111 -4.65 -6.31 35.92
CA ASP B 111 -4.32 -6.68 34.53
C ASP B 111 -5.18 -5.88 33.55
N VAL B 112 -4.90 -4.58 33.42
CA VAL B 112 -5.67 -3.75 32.52
C VAL B 112 -4.80 -3.35 31.34
N PRO B 113 -5.09 -3.83 30.11
CA PRO B 113 -4.37 -3.37 28.92
C PRO B 113 -4.56 -1.85 28.80
N MET B 114 -3.43 -1.16 28.83
CA MET B 114 -3.49 0.30 28.91
C MET B 114 -2.19 0.90 28.35
N VAL B 115 -2.30 2.04 27.69
CA VAL B 115 -1.23 2.83 27.15
C VAL B 115 -1.47 4.28 27.55
N LEU B 116 -0.42 4.93 28.09
CA LEU B 116 -0.44 6.36 28.40
C LEU B 116 -0.03 7.16 27.18
N VAL B 117 -0.82 8.18 26.83
CA VAL B 117 -0.61 8.96 25.60
C VAL B 117 -0.55 10.44 25.94
N GLY B 118 0.60 11.05 25.63
CA GLY B 118 0.80 12.47 25.70
C GLY B 118 0.56 13.10 24.34
N ASN B 119 -0.66 13.59 24.14
CA ASN B 119 -1.06 14.17 22.83
C ASN B 119 -0.61 15.64 22.76
N LYS B 120 -0.64 16.26 21.57
CA LYS B 120 -0.26 17.64 21.21
C LYS B 120 1.26 17.76 21.22
N SER B 121 1.96 16.69 20.83
CA SER B 121 3.44 16.76 20.80
C SER B 121 3.96 17.90 19.91
N ASP B 122 3.13 18.40 18.99
CA ASP B 122 3.50 19.44 18.06
C ASP B 122 3.49 20.82 18.71
N LEU B 123 2.94 20.94 19.93
CA LEU B 123 2.91 22.24 20.55
C LEU B 123 4.23 22.49 21.26
N PRO B 124 4.87 23.65 21.05
CA PRO B 124 6.16 23.93 21.65
C PRO B 124 6.16 24.39 23.13
N SER B 125 5.01 24.79 23.68
CA SER B 125 4.97 25.27 25.06
C SER B 125 4.53 24.14 26.00
N ARG B 126 5.40 23.16 26.19
CA ARG B 126 5.05 21.97 26.98
C ARG B 126 5.07 22.31 28.48
N THR B 127 4.17 21.65 29.21
CA THR B 127 4.01 21.79 30.66
C THR B 127 4.23 20.44 31.36
N VAL B 128 4.01 19.34 30.63
CA VAL B 128 4.27 17.97 31.15
C VAL B 128 5.55 17.43 30.52
N ASP B 129 6.64 17.45 31.29
CA ASP B 129 7.99 16.98 30.87
C ASP B 129 7.93 15.49 30.60
N THR B 130 8.51 15.05 29.47
CA THR B 130 8.54 13.63 29.10
C THR B 130 8.96 12.76 30.29
N LYS B 131 10.00 13.15 31.02
CA LYS B 131 10.44 12.29 32.15
C LYS B 131 9.34 12.08 33.18
N GLN B 132 8.52 13.09 33.48
CA GLN B 132 7.45 12.91 34.50
C GLN B 132 6.44 11.86 34.01
N ALA B 133 6.14 11.87 32.72
CA ALA B 133 5.18 10.96 32.09
C ALA B 133 5.76 9.55 32.04
N GLN B 134 7.03 9.47 31.65
CA GLN B 134 7.73 8.19 31.61
C GLN B 134 7.69 7.54 32.99
N ASP B 135 7.94 8.33 34.04
CA ASP B 135 8.02 7.82 35.41
C ASP B 135 6.66 7.28 35.85
N LEU B 136 5.59 7.96 35.45
CA LEU B 136 4.24 7.54 35.78
C LEU B 136 3.93 6.20 35.10
N ALA B 137 4.24 6.08 33.80
CA ALA B 137 3.96 4.86 33.03
C ALA B 137 4.77 3.68 33.60
N ARG B 138 5.99 3.96 34.03
CA ARG B 138 6.85 2.98 34.66
C ARG B 138 6.19 2.47 35.95
N SER B 139 5.57 3.34 36.74
CA SER B 139 4.94 2.96 38.02
C SER B 139 3.71 2.08 37.78
N TYR B 140 3.06 2.23 36.62
CA TYR B 140 1.90 1.42 36.26
C TYR B 140 2.30 0.15 35.49
N GLY B 141 3.52 0.14 34.95
CA GLY B 141 4.00 -0.95 34.09
C GLY B 141 3.33 -0.93 32.73
N ILE B 142 3.11 0.26 32.18
CA ILE B 142 2.44 0.37 30.89
C ILE B 142 3.33 1.15 29.92
N PRO B 143 3.10 1.02 28.60
CA PRO B 143 3.82 1.85 27.63
C PRO B 143 3.36 3.31 27.71
N PHE B 144 4.30 4.21 27.41
CA PHE B 144 4.05 5.64 27.20
C PHE B 144 4.44 6.03 25.77
N ILE B 145 3.56 6.79 25.10
CA ILE B 145 3.79 7.31 23.73
C ILE B 145 3.32 8.77 23.65
N GLU B 146 4.13 9.60 23.03
CA GLU B 146 3.75 10.99 22.73
C GLU B 146 3.19 10.99 21.30
N THR B 147 2.05 11.64 21.10
CA THR B 147 1.40 11.64 19.76
C THR B 147 1.03 13.07 19.34
N SER B 148 0.71 13.23 18.07
CA SER B 148 0.19 14.47 17.50
C SER B 148 -0.89 14.11 16.49
N ALA B 149 -2.12 14.42 16.83
CA ALA B 149 -3.22 14.20 15.92
C ALA B 149 -3.13 15.19 14.76
N LYS B 150 -2.37 16.27 14.94
CA LYS B 150 -2.17 17.29 13.94
C LYS B 150 -1.20 16.86 12.83
N THR B 151 -0.10 16.20 13.20
CA THR B 151 0.94 15.80 12.25
C THR B 151 0.88 14.30 11.97
N ARG B 152 0.05 13.57 12.71
CA ARG B 152 -0.19 12.09 12.67
C ARG B 152 0.98 11.35 13.37
N GLN B 153 1.86 12.08 14.05
CA GLN B 153 3.03 11.51 14.79
C GLN B 153 2.60 10.47 15.84
N ARG B 154 2.96 9.21 15.61
CA ARG B 154 2.73 8.03 16.49
C ARG B 154 1.24 7.72 16.70
N VAL B 155 0.36 8.11 15.79
CA VAL B 155 -1.08 7.84 16.02
C VAL B 155 -1.40 6.35 15.90
N GLU B 156 -1.05 5.74 14.78
CA GLU B 156 -1.21 4.30 14.58
C GLU B 156 -0.45 3.56 15.69
N ASP B 157 0.75 4.06 15.95
CA ASP B 157 1.62 3.56 16.94
C ASP B 157 0.88 3.42 18.29
N ALA B 158 0.18 4.47 18.73
CA ALA B 158 -0.49 4.45 20.03
C ALA B 158 -1.52 3.32 20.10
N PHE B 159 -2.42 3.29 19.11
CA PHE B 159 -3.47 2.29 19.02
C PHE B 159 -2.90 0.87 18.85
N TYR B 160 -1.92 0.69 17.95
CA TYR B 160 -1.39 -0.64 17.63
C TYR B 160 -0.71 -1.23 18.86
N THR B 161 -0.04 -0.38 19.64
CA THR B 161 0.59 -0.77 20.91
C THR B 161 -0.44 -1.31 21.90
N LEU B 162 -1.62 -0.69 21.96
CA LEU B 162 -2.67 -1.11 22.90
C LEU B 162 -3.20 -2.49 22.48
N VAL B 163 -3.32 -2.72 21.16
CA VAL B 163 -3.69 -4.03 20.64
C VAL B 163 -2.66 -5.06 21.12
N ARG B 164 -1.36 -4.73 21.03
CA ARG B 164 -0.31 -5.65 21.45
C ARG B 164 -0.44 -5.94 22.95
N GLU B 165 -0.74 -4.90 23.73
CA GLU B 165 -0.89 -5.05 25.18
C GLU B 165 -2.04 -6.01 25.49
N ILE B 166 -3.14 -5.92 24.72
CA ILE B 166 -4.30 -6.77 24.99
C ILE B 166 -3.91 -8.21 24.67
N ARG B 167 -3.31 -8.37 23.50
CA ARG B 167 -2.89 -9.64 23.00
C ARG B 167 -1.99 -10.34 24.02
N GLN B 168 -1.10 -9.60 24.69
CA GLN B 168 -0.16 -10.21 25.65
C GLN B 168 -0.87 -10.58 26.96
N TYR B 169 -1.78 -9.71 27.42
CA TYR B 169 -2.57 -10.01 28.61
C TYR B 169 -3.49 -11.22 28.39
N ARG B 170 -3.84 -11.52 27.14
CA ARG B 170 -4.66 -12.72 26.84
C ARG B 170 -3.89 -14.02 27.16
N LEU B 171 -2.54 -14.02 27.07
CA LEU B 171 -1.74 -15.25 27.32
C LEU B 171 -1.33 -15.36 28.79
N LYS B 172 -1.64 -14.32 29.56
CA LYS B 172 -1.29 -14.25 30.95
C LYS B 172 -2.55 -14.50 31.78
PB GDP C . -0.34 -14.85 -24.49
O1B GDP C . 0.03 -14.70 -25.79
O2B GDP C . 0.18 -14.02 -23.47
O3B GDP C . -0.18 -16.24 -23.98
O3A GDP C . -1.84 -14.38 -24.40
PA GDP C . -2.93 -14.51 -25.45
O1A GDP C . -2.92 -13.41 -26.42
O2A GDP C . -2.89 -15.81 -26.06
O5' GDP C . -4.20 -14.23 -24.62
C5' GDP C . -4.68 -15.12 -23.61
C4' GDP C . -6.16 -14.96 -23.33
O4' GDP C . -6.49 -13.67 -22.90
C3' GDP C . -6.96 -15.20 -24.60
O3' GDP C . -8.21 -15.78 -24.32
C2' GDP C . -7.22 -13.76 -25.06
O2' GDP C . -8.36 -13.63 -25.86
C1' GDP C . -7.35 -13.04 -23.78
N9 GDP C . -6.99 -11.58 -23.87
C8 GDP C . -5.88 -11.11 -24.33
N7 GDP C . -5.82 -9.77 -24.26
C5 GDP C . -6.99 -9.40 -23.73
C6 GDP C . -7.64 -8.13 -23.31
O6 GDP C . -7.10 -7.02 -23.47
N1 GDP C . -8.84 -8.20 -22.76
C2 GDP C . -9.45 -9.39 -22.59
N2 GDP C . -10.63 -9.44 -22.03
N3 GDP C . -8.90 -10.53 -22.90
C4 GDP C . -7.74 -10.64 -23.48
MG MG D . 1.03 -16.07 -27.14
OBB A1ILA E . 13.43 -20.06 -33.68
CAS A1ILA E . 12.98 -18.97 -33.33
CAT A1ILA E . 13.74 -18.16 -32.47
CAZ A1ILA E . 14.82 -17.38 -32.94
CAU A1ILA E . 13.41 -18.10 -31.13
OBA A1ILA E . 12.34 -18.81 -30.71
CAV A1ILA E . 14.12 -17.28 -30.25
CAW A1ILA E . 15.19 -16.53 -30.72
CAX A1ILA E . 15.51 -16.60 -32.05
SAI A1ILA E . 16.85 -15.56 -32.71
OAH A1ILA E . 17.79 -16.37 -33.52
OAY A1ILA E . 17.46 -14.91 -31.52
NAJ A1ILA E . 16.03 -14.64 -33.70
CAK A1ILA E . 15.48 -13.51 -33.27
SBK A1ILA E . 15.78 -12.61 -31.81
CAF A1ILA E . 14.63 -11.40 -32.34
CAE A1ILA E . 14.29 -10.31 -31.66
CLBI A1ILA E . 15.03 -10.02 -30.13
CAD A1ILA E . 13.35 -9.42 -32.17
CAC A1ILA E . 12.78 -9.69 -33.40
CAB A1ILA E . 13.17 -10.85 -34.06
OAA A1ILA E . 12.63 -11.12 -35.27
CAG A1ILA E . 14.08 -11.72 -33.54
NAL A1ILA E . 14.58 -12.87 -34.06
CAM A1ILA E . 14.19 -13.51 -35.34
CAN A1ILA E . 12.74 -14.21 -35.16
CAO A1ILA E . 12.82 -15.61 -34.43
CAP A1ILA E . 11.39 -16.16 -34.34
CAQ A1ILA E . 11.21 -17.25 -33.29
NAR A1ILA E . 11.77 -18.56 -33.76
CBC A1ILA E . 10.96 -19.49 -34.62
CBD A1ILA E . 10.06 -18.83 -35.61
CBE A1ILA E . 9.25 -19.87 -36.38
CBF A1ILA E . 8.46 -20.77 -35.44
NBJ A1ILA E . 7.33 -20.14 -34.72
CBG A1ILA E . 9.39 -21.42 -34.45
CBH A1ILA E . 10.18 -20.37 -33.65
C1 EDO F . 8.08 13.07 -42.34
O1 EDO F . 7.13 12.08 -41.87
C2 EDO F . 8.55 13.82 -41.11
O2 EDO F . 9.73 13.22 -40.61
PB GDP G . -11.27 15.88 23.06
O1B GDP G . -12.03 14.91 22.32
O2B GDP G . -10.40 15.12 23.94
O3B GDP G . -11.97 16.98 23.68
O3A GDP G . -10.38 16.58 22.14
PA GDP G . -10.67 16.93 20.66
O1A GDP G . -10.14 15.90 19.84
O2A GDP G . -12.08 17.30 20.53
O5' GDP G . -9.71 18.08 20.53
C5' GDP G . -9.67 19.24 21.29
C4' GDP G . -8.96 20.39 20.66
O4' GDP G . -7.56 20.29 20.64
C3' GDP G . -9.32 20.59 19.21
O3' GDP G . -9.28 21.97 18.97
C2' GDP G . -8.21 19.95 18.43
O2' GDP G . -8.01 20.54 17.16
C1' GDP G . -7.05 20.30 19.32
N9 GDP G . -6.01 19.28 19.12
C8 GDP G . -6.22 18.05 19.22
N7 GDP G . -5.15 17.35 19.03
C5 GDP G . -4.19 18.10 18.80
C6 GDP G . -2.77 17.92 18.52
O6 GDP G . -2.27 16.79 18.48
N1 GDP G . -2.11 19.02 18.40
C2 GDP G . -2.66 20.22 18.43
N2 GDP G . -1.90 21.28 18.24
N3 GDP G . -3.94 20.43 18.68
C4 GDP G . -4.74 19.43 18.87
MG MG H . -14.00 14.34 21.85
OBB A1ILA I . -25.17 4.93 23.27
CAS A1ILA I . -23.95 4.84 23.09
CAT A1ILA I . -23.16 4.19 24.06
CAZ A1ILA I . -23.22 2.80 24.18
CAU A1ILA I . -22.27 4.87 24.91
OBA A1ILA I . -22.21 6.20 24.78
CAV A1ILA I . -21.48 4.19 25.83
CAW A1ILA I . -21.55 2.81 25.94
CAX A1ILA I . -22.43 2.13 25.12
SAI A1ILA I . -22.51 0.53 25.15
OAH A1ILA I . -23.94 -0.01 25.34
OAY A1ILA I . -21.65 -0.06 26.27
NAJ A1ILA I . -21.88 0.14 23.70
CAK A1ILA I . -20.57 0.05 23.51
SBK A1ILA I . -19.31 -0.11 24.61
CAF A1ILA I . -18.10 -0.19 23.43
CAE A1ILA I . -16.77 -0.32 23.60
CLBI A1ILA I . -16.09 -0.48 25.19
CAD A1ILA I . -15.93 -0.36 22.49
CAC A1ILA I . -16.49 -0.22 21.23
CAB A1ILA I . -17.86 -0.09 21.12
OAA A1ILA I . -18.39 0.03 19.86
CAG A1ILA I . -18.68 -0.06 22.20
NAL A1ILA I . -20.05 0.05 22.27
CAM A1ILA I . -21.00 0.24 21.09
CAN A1ILA I . -20.73 1.64 20.50
CAO A1ILA I . -21.84 2.68 20.77
CAP A1ILA I . -21.26 3.81 21.62
CAQ A1ILA I . -21.98 5.20 21.56
NAR A1ILA I . -23.43 5.26 21.90
CBC A1ILA I . -24.37 5.90 20.96
CBD A1ILA I . -24.01 5.65 19.53
CBE A1ILA I . -24.91 6.55 18.65
CBF A1ILA I . -24.74 8.02 19.04
NBJ A1ILA I . -23.35 8.52 18.90
CBG A1ILA I . -25.30 8.21 20.43
CBH A1ILA I . -24.47 7.39 21.39
C1 EDO J . 4.04 -4.67 12.34
O1 EDO J . 2.83 -5.23 12.81
C2 EDO J . 5.09 -5.79 12.34
O2 EDO J . 4.47 -7.03 11.85
#